data_3VLY
#
_entry.id   3VLY
#
_cell.length_a   133.657
_cell.length_b   133.657
_cell.length_c   77.823
_cell.angle_alpha   90.000
_cell.angle_beta   90.000
_cell.angle_gamma   90.000
#
_symmetry.space_group_name_H-M   'P 4 21 2'
#
loop_
_entity.id
_entity.type
_entity.pdbx_description
1 polymer 'Nitrite reductase'
2 non-polymer SIROHEME
3 non-polymer 'IRON/SULFUR CLUSTER'
4 non-polymer 'POTASSIUM ION'
5 non-polymer 'CHLORIDE ION'
6 non-polymer 'SULFITE ION'
7 water water
#
_entity_poly.entity_id   1
_entity_poly.type   'polypeptide(L)'
_entity_poly.pdbx_seq_one_letter_code
;MGHHHHHHHHHHSSGHIEGRHMFSKNAVKLHATPPSVAAPPTGAPEVAAERLEPRVEEKDGYWILKEQFRKGINPQEKVK
IEKEPMKLFMENGIEELAKIPIEEIDQSKLTKDDIDVRLKWLGLFHRRKNQYGRFMMRLKLPNGVTTSAQTRYLASVIRK
YGKEGCADITTRQNWQIRGVVLPDVPEILKGLAEVGLTSLQSGMDNVRNPVGNPLAGIDPEEIVDTRPYTNLLSQFITGN
SRGNPAVSNLPRKWKPCVVGSHDLYEHPHINDLAYMPATKDGRFGFNLLVGGFFSAKRCDEAIPLDAWVPADDVVPVCRA
ILEAFRDLGFRGNRQKCRMMWLIDELGVEGFRAEVEKRMPQQQLERASPEDLVQKQWERRDYLGVHPQKQEGYSFIGLHI
PVGRVQADDMDELARLADEYGSGEIRLTVEQNIIIPNIETSKIEALLKEPVLSTFSPDPPILMKGLVACTGNQFCGQAII
ETKARSLKITEEVQRQVSLTKPVRMHWTGCPNTCAQVQVADIGFMGCLTRDKNGKTVEGADVFLGGRIGSDSHLGEVYKK
AVPCDDLVPLVVDLLVNNFGAVPR
;
_entity_poly.pdbx_strand_id   A
#
loop_
_chem_comp.id
_chem_comp.type
_chem_comp.name
_chem_comp.formula
CL non-polymer 'CHLORIDE ION' 'Cl -1'
K non-polymer 'POTASSIUM ION' 'K 1'
SF4 non-polymer 'IRON/SULFUR CLUSTER' 'Fe4 S4'
SO3 non-polymer 'SULFITE ION' 'O3 S -2'
SRM non-polymer SIROHEME 'C42 H44 Fe N4 O16'
#
# COMPACT_ATOMS: atom_id res chain seq x y z
N VAL A 47 32.42 8.34 -7.31
CA VAL A 47 31.80 7.27 -8.15
C VAL A 47 32.41 7.25 -9.56
N ALA A 48 33.05 6.13 -9.89
CA ALA A 48 33.65 5.92 -11.21
C ALA A 48 32.58 5.97 -12.31
N ALA A 49 32.98 6.42 -13.50
CA ALA A 49 32.09 6.48 -14.65
C ALA A 49 31.53 5.11 -15.05
N GLU A 50 32.32 4.07 -14.80
CA GLU A 50 31.92 2.69 -15.10
C GLU A 50 30.68 2.26 -14.32
N ARG A 51 30.52 2.82 -13.13
CA ARG A 51 29.37 2.51 -12.26
C ARG A 51 28.05 2.95 -12.90
N LEU A 52 28.12 3.88 -13.84
CA LEU A 52 26.93 4.48 -14.47
C LEU A 52 26.47 3.74 -15.74
N GLU A 53 27.15 2.66 -16.11
CA GLU A 53 26.74 1.87 -17.27
C GLU A 53 25.42 1.15 -16.96
N PRO A 54 24.38 1.37 -17.80
CA PRO A 54 23.13 0.62 -17.58
C PRO A 54 23.35 -0.89 -17.56
N ARG A 55 22.75 -1.55 -16.57
CA ARG A 55 23.01 -2.96 -16.30
C ARG A 55 22.00 -3.89 -16.97
N VAL A 56 20.89 -3.32 -17.44
CA VAL A 56 19.87 -4.08 -18.14
C VAL A 56 19.76 -3.60 -19.58
N GLU A 57 19.21 -4.45 -20.45
CA GLU A 57 18.97 -4.11 -21.84
C GLU A 57 17.62 -4.65 -22.29
N GLU A 58 17.04 -4.00 -23.30
CA GLU A 58 15.80 -4.48 -23.90
C GLU A 58 16.13 -5.62 -24.86
N LYS A 59 15.40 -6.72 -24.72
CA LYS A 59 15.58 -7.89 -25.58
C LYS A 59 14.21 -8.50 -25.85
N ASP A 60 13.77 -8.40 -27.11
CA ASP A 60 12.51 -8.98 -27.57
C ASP A 60 11.30 -8.53 -26.74
N GLY A 61 11.27 -7.25 -26.39
CA GLY A 61 10.13 -6.65 -25.69
C GLY A 61 10.22 -6.64 -24.17
N TYR A 62 11.24 -7.28 -23.62
CA TYR A 62 11.41 -7.36 -22.16
C TYR A 62 12.78 -6.82 -21.77
N TRP A 63 12.95 -6.55 -20.48
CA TRP A 63 14.22 -6.00 -19.99
C TRP A 63 14.93 -7.01 -19.11
N ILE A 64 16.18 -7.30 -19.49
CA ILE A 64 16.94 -8.37 -18.87
C ILE A 64 18.33 -7.89 -18.47
N LEU A 65 18.87 -8.43 -17.38
CA LEU A 65 20.23 -8.14 -16.97
C LEU A 65 21.23 -8.53 -18.06
N LYS A 66 22.10 -7.59 -18.40
CA LYS A 66 23.19 -7.88 -19.33
C LYS A 66 24.07 -8.99 -18.77
N GLU A 67 24.59 -9.82 -19.65
CA GLU A 67 25.41 -10.98 -19.26
C GLU A 67 26.54 -10.65 -18.28
N GLN A 68 27.20 -9.51 -18.47
CA GLN A 68 28.32 -9.12 -17.61
C GLN A 68 27.93 -8.59 -16.23
N PHE A 69 26.63 -8.45 -15.96
CA PHE A 69 26.18 -7.95 -14.66
C PHE A 69 25.44 -9.00 -13.80
N ARG A 70 25.52 -10.26 -14.22
CA ARG A 70 24.80 -11.35 -13.57
C ARG A 70 25.54 -12.03 -12.41
N LYS A 71 26.80 -11.67 -12.22
CA LYS A 71 27.59 -12.26 -11.12
C LYS A 71 27.07 -11.75 -9.78
N GLY A 72 26.90 -12.67 -8.82
CA GLY A 72 26.62 -12.30 -7.45
C GLY A 72 25.18 -11.89 -7.16
N ILE A 73 24.30 -12.07 -8.14
CA ILE A 73 22.91 -11.65 -7.96
C ILE A 73 22.15 -12.56 -6.99
N ASN A 74 21.08 -12.04 -6.41
CA ASN A 74 20.26 -12.79 -5.46
C ASN A 74 19.37 -13.84 -6.17
N PRO A 75 18.78 -14.79 -5.41
CA PRO A 75 17.95 -15.82 -6.05
C PRO A 75 16.73 -15.30 -6.83
N GLN A 76 16.17 -14.18 -6.40
CA GLN A 76 15.01 -13.60 -7.11
C GLN A 76 15.41 -13.11 -8.50
N GLU A 77 16.60 -12.52 -8.60
CA GLU A 77 17.15 -12.11 -9.89
C GLU A 77 17.34 -13.32 -10.81
N LYS A 78 17.75 -14.43 -10.23
CA LYS A 78 17.91 -15.66 -11.00
C LYS A 78 16.58 -16.16 -11.54
N VAL A 79 15.53 -16.05 -10.73
CA VAL A 79 14.17 -16.42 -11.17
C VAL A 79 13.76 -15.60 -12.39
N LYS A 80 14.01 -14.29 -12.32
CA LYS A 80 13.65 -13.38 -13.41
C LYS A 80 14.41 -13.67 -14.71
N ILE A 81 15.67 -14.10 -14.58
CA ILE A 81 16.47 -14.46 -15.76
C ILE A 81 16.00 -15.77 -16.38
N GLU A 82 15.69 -16.75 -15.53
CA GLU A 82 15.29 -18.09 -15.98
C GLU A 82 14.03 -18.05 -16.86
N LYS A 83 13.06 -17.23 -16.47
CA LYS A 83 11.91 -16.95 -17.32
C LYS A 83 11.29 -15.61 -16.94
N GLU A 84 11.05 -14.80 -17.96
CA GLU A 84 10.44 -13.48 -17.81
C GLU A 84 9.02 -13.60 -17.22
N PRO A 85 8.81 -13.09 -15.99
CA PRO A 85 7.48 -13.21 -15.38
C PRO A 85 6.33 -12.62 -16.20
N MET A 86 6.58 -11.51 -16.90
CA MET A 86 5.50 -10.85 -17.65
C MET A 86 4.93 -11.70 -18.78
N LYS A 87 5.67 -12.73 -19.20
CA LYS A 87 5.17 -13.62 -20.24
C LYS A 87 3.92 -14.38 -19.82
N LEU A 88 3.79 -14.61 -18.51
CA LEU A 88 2.59 -15.28 -17.98
C LEU A 88 1.32 -14.52 -18.34
N PHE A 89 1.41 -13.20 -18.44
CA PHE A 89 0.28 -12.37 -18.85
C PHE A 89 0.35 -12.02 -20.34
N MET A 90 1.46 -11.41 -20.75
CA MET A 90 1.58 -10.81 -22.08
C MET A 90 1.66 -11.83 -23.22
N GLU A 91 2.11 -13.04 -22.90
CA GLU A 91 2.10 -14.15 -23.87
C GLU A 91 1.12 -15.23 -23.44
N ASN A 92 0.24 -14.88 -22.51
CA ASN A 92 -0.79 -15.78 -21.99
C ASN A 92 -0.26 -17.14 -21.50
N GLY A 93 0.93 -17.14 -20.93
CA GLY A 93 1.50 -18.34 -20.30
C GLY A 93 0.62 -18.90 -19.19
N ILE A 94 -0.17 -18.04 -18.57
CA ILE A 94 -1.04 -18.45 -17.47
C ILE A 94 -2.08 -19.50 -17.90
N GLU A 95 -2.50 -19.46 -19.15
CA GLU A 95 -3.54 -20.39 -19.61
C GLU A 95 -3.12 -21.85 -19.45
N GLU A 96 -1.92 -22.18 -19.93
CA GLU A 96 -1.43 -23.55 -19.82
C GLU A 96 -0.98 -23.90 -18.40
N LEU A 97 -0.36 -22.93 -17.71
CA LEU A 97 0.08 -23.15 -16.34
C LEU A 97 -1.10 -23.51 -15.43
N ALA A 98 -2.22 -22.81 -15.60
CA ALA A 98 -3.40 -22.98 -14.75
C ALA A 98 -4.04 -24.38 -14.83
N LYS A 99 -3.73 -25.10 -15.90
CA LYS A 99 -4.26 -26.45 -16.14
C LYS A 99 -3.46 -27.54 -15.42
N ILE A 100 -2.23 -27.22 -14.99
CA ILE A 100 -1.37 -28.20 -14.34
C ILE A 100 -1.75 -28.32 -12.85
N PRO A 101 -2.05 -29.55 -12.38
CA PRO A 101 -2.34 -29.75 -10.97
C PRO A 101 -1.19 -29.26 -10.10
N ILE A 102 -1.52 -28.59 -9.00
CA ILE A 102 -0.50 -27.97 -8.14
C ILE A 102 0.53 -28.97 -7.61
N GLU A 103 0.13 -30.22 -7.37
CA GLU A 103 1.07 -31.23 -6.92
C GLU A 103 2.15 -31.50 -7.98
N GLU A 104 1.76 -31.44 -9.25
CA GLU A 104 2.72 -31.56 -10.35
C GLU A 104 3.58 -30.30 -10.50
N ILE A 105 2.96 -29.13 -10.37
CA ILE A 105 3.70 -27.87 -10.43
C ILE A 105 4.88 -27.85 -9.44
N ASP A 106 4.62 -28.34 -8.23
CA ASP A 106 5.61 -28.33 -7.16
C ASP A 106 6.79 -29.28 -7.42
N GLN A 107 6.67 -30.13 -8.43
CA GLN A 107 7.72 -31.12 -8.71
C GLN A 107 8.87 -30.60 -9.58
N SER A 108 8.71 -29.41 -10.15
CA SER A 108 9.79 -28.79 -10.94
C SER A 108 10.02 -27.35 -10.52
N LYS A 109 11.29 -26.93 -10.48
CA LYS A 109 11.69 -25.60 -10.02
C LYS A 109 11.06 -24.50 -10.87
N LEU A 110 11.05 -24.69 -12.19
CA LEU A 110 10.54 -23.67 -13.11
C LEU A 110 9.09 -23.31 -12.80
N THR A 111 8.24 -24.34 -12.68
CA THR A 111 6.82 -24.10 -12.44
C THR A 111 6.53 -23.73 -10.99
N LYS A 112 7.29 -24.29 -10.04
CA LYS A 112 7.15 -23.88 -8.64
C LYS A 112 7.48 -22.39 -8.52
N ASP A 113 8.56 -21.95 -9.17
CA ASP A 113 8.89 -20.52 -9.22
C ASP A 113 7.81 -19.71 -9.94
N ASP A 114 7.17 -20.29 -10.95
CA ASP A 114 6.05 -19.63 -11.61
C ASP A 114 4.97 -19.27 -10.60
N ILE A 115 4.54 -20.24 -9.81
CA ILE A 115 3.41 -19.98 -8.89
C ILE A 115 3.79 -19.24 -7.61
N ASP A 116 5.02 -19.43 -7.13
CA ASP A 116 5.44 -18.81 -5.87
C ASP A 116 6.06 -17.43 -6.05
N VAL A 117 6.54 -17.11 -7.24
CA VAL A 117 7.29 -15.88 -7.48
C VAL A 117 6.75 -15.11 -8.69
N ARG A 118 6.77 -15.74 -9.86
CA ARG A 118 6.46 -15.02 -11.10
C ARG A 118 5.00 -14.53 -11.14
N LEU A 119 4.09 -15.29 -10.53
CA LEU A 119 2.68 -14.89 -10.52
C LEU A 119 2.40 -13.59 -9.78
N LYS A 120 3.34 -13.14 -8.96
CA LYS A 120 3.17 -11.85 -8.26
C LYS A 120 3.20 -10.66 -9.24
N TRP A 121 3.76 -10.88 -10.44
CA TRP A 121 3.68 -9.89 -11.52
C TRP A 121 2.26 -9.77 -12.09
N LEU A 122 1.42 -10.78 -11.80
CA LEU A 122 0.00 -10.75 -12.17
C LEU A 122 -0.84 -10.54 -10.92
N GLY A 123 -0.18 -10.15 -9.82
CA GLY A 123 -0.87 -9.83 -8.58
C GLY A 123 -1.37 -11.01 -7.79
N LEU A 124 -0.78 -12.19 -8.04
CA LEU A 124 -1.22 -13.43 -7.40
C LEU A 124 -0.14 -13.99 -6.48
N PHE A 125 -0.53 -14.25 -5.23
CA PHE A 125 0.40 -14.52 -4.11
C PHE A 125 0.04 -15.86 -3.48
N HIS A 126 0.82 -16.89 -3.81
CA HIS A 126 0.56 -18.21 -3.25
C HIS A 126 0.80 -18.17 -1.73
N ARG A 127 -0.23 -18.57 -0.97
CA ARG A 127 -0.15 -18.65 0.48
C ARG A 127 0.35 -20.05 0.82
N ARG A 128 1.58 -20.36 0.45
CA ARG A 128 2.08 -21.74 0.54
C ARG A 128 2.01 -22.34 1.94
N LYS A 129 2.51 -21.59 2.93
CA LYS A 129 2.59 -22.10 4.30
C LYS A 129 1.23 -22.18 4.98
N ASN A 130 0.45 -21.11 4.88
CA ASN A 130 -0.71 -20.96 5.74
C ASN A 130 -2.07 -21.19 5.08
N GLN A 131 -2.09 -21.25 3.75
CA GLN A 131 -3.30 -21.57 3.02
C GLN A 131 -2.93 -22.24 1.70
N TYR A 132 -2.24 -23.38 1.82
CA TYR A 132 -1.66 -24.05 0.67
C TYR A 132 -2.62 -24.21 -0.51
N GLY A 133 -2.13 -23.89 -1.71
CA GLY A 133 -2.92 -24.05 -2.93
C GLY A 133 -3.87 -22.90 -3.21
N ARG A 134 -3.92 -21.92 -2.31
CA ARG A 134 -4.76 -20.74 -2.50
C ARG A 134 -3.91 -19.52 -2.69
N PHE A 135 -4.47 -18.54 -3.41
CA PHE A 135 -3.75 -17.35 -3.82
C PHE A 135 -4.49 -16.11 -3.35
N MET A 136 -3.78 -15.24 -2.67
CA MET A 136 -4.27 -13.89 -2.45
C MET A 136 -4.09 -13.13 -3.77
N MET A 137 -5.03 -12.25 -4.11
CA MET A 137 -4.91 -11.46 -5.33
C MET A 137 -5.01 -9.97 -4.99
N ARG A 138 -4.07 -9.19 -5.53
CA ARG A 138 -3.92 -7.77 -5.17
C ARG A 138 -4.03 -6.91 -6.43
N LEU A 139 -4.84 -5.86 -6.36
CA LEU A 139 -5.10 -5.04 -7.54
C LEU A 139 -4.14 -3.87 -7.73
N LYS A 140 -4.33 -3.16 -8.84
CA LYS A 140 -4.00 -1.76 -8.96
C LYS A 140 -5.30 -1.01 -8.73
N LEU A 141 -5.25 -0.02 -7.85
CA LEU A 141 -6.42 0.78 -7.51
C LEU A 141 -5.95 2.22 -7.23
N PRO A 142 -5.52 2.94 -8.28
CA PRO A 142 -4.95 4.25 -8.04
C PRO A 142 -5.90 5.12 -7.22
N ASN A 143 -5.37 5.74 -6.17
CA ASN A 143 -6.14 6.68 -5.38
C ASN A 143 -7.25 6.03 -4.55
N GLY A 144 -7.27 4.69 -4.52
CA GLY A 144 -8.21 3.95 -3.70
C GLY A 144 -9.63 3.93 -4.22
N VAL A 145 -9.82 4.32 -5.49
CA VAL A 145 -11.19 4.50 -6.00
C VAL A 145 -11.71 3.23 -6.65
N THR A 146 -12.87 2.77 -6.18
CA THR A 146 -13.57 1.60 -6.73
C THR A 146 -15.01 1.95 -7.07
N THR A 147 -15.68 1.06 -7.78
CA THR A 147 -17.10 1.23 -8.08
C THR A 147 -17.91 0.10 -7.43
N SER A 148 -19.21 0.32 -7.33
CA SER A 148 -20.11 -0.73 -6.82
C SER A 148 -20.07 -2.00 -7.72
N ALA A 149 -20.00 -1.81 -9.04
CA ALA A 149 -19.93 -2.96 -9.95
C ALA A 149 -18.65 -3.77 -9.72
N GLN A 150 -17.53 -3.06 -9.54
CA GLN A 150 -16.27 -3.73 -9.24
C GLN A 150 -16.33 -4.46 -7.89
N THR A 151 -16.92 -3.79 -6.91
CA THR A 151 -17.06 -4.37 -5.56
C THR A 151 -17.90 -5.66 -5.57
N ARG A 152 -19.01 -5.62 -6.32
CA ARG A 152 -19.83 -6.83 -6.45
C ARG A 152 -19.07 -7.94 -7.18
N TYR A 153 -18.28 -7.57 -8.18
CA TYR A 153 -17.53 -8.59 -8.89
C TYR A 153 -16.53 -9.27 -7.95
N LEU A 154 -15.76 -8.47 -7.22
CA LEU A 154 -14.80 -9.03 -6.25
C LEU A 154 -15.51 -9.92 -5.23
N ALA A 155 -16.66 -9.46 -4.73
CA ALA A 155 -17.46 -10.25 -3.78
C ALA A 155 -17.87 -11.60 -4.39
N SER A 156 -18.24 -11.60 -5.67
CA SER A 156 -18.68 -12.84 -6.31
C SER A 156 -17.54 -13.84 -6.43
N VAL A 157 -16.32 -13.34 -6.63
CA VAL A 157 -15.15 -14.21 -6.68
C VAL A 157 -14.89 -14.86 -5.31
N ILE A 158 -14.83 -14.05 -4.25
CA ILE A 158 -14.52 -14.64 -2.93
C ILE A 158 -15.64 -15.52 -2.39
N ARG A 159 -16.89 -15.19 -2.77
CA ARG A 159 -18.04 -15.98 -2.31
C ARG A 159 -17.93 -17.44 -2.73
N LYS A 160 -17.40 -17.67 -3.94
CA LYS A 160 -17.21 -19.03 -4.46
C LYS A 160 -16.36 -19.90 -3.52
N TYR A 161 -15.46 -19.26 -2.78
CA TYR A 161 -14.48 -20.01 -2.01
C TYR A 161 -14.87 -20.25 -0.55
N GLY A 162 -16.08 -19.80 -0.18
CA GLY A 162 -16.62 -20.12 1.15
C GLY A 162 -15.67 -19.70 2.27
N LYS A 163 -15.34 -20.65 3.14
CA LYS A 163 -14.49 -20.34 4.32
C LYS A 163 -13.06 -19.95 3.96
N GLU A 164 -12.65 -20.24 2.72
CA GLU A 164 -11.31 -19.90 2.25
C GLU A 164 -11.25 -18.49 1.67
N GLY A 165 -12.42 -17.85 1.56
CA GLY A 165 -12.51 -16.55 0.92
C GLY A 165 -12.84 -15.44 1.90
N CYS A 166 -12.33 -14.25 1.60
CA CYS A 166 -12.67 -12.98 2.25
C CYS A 166 -11.88 -11.92 1.51
N ALA A 167 -12.01 -10.66 1.94
CA ALA A 167 -11.27 -9.58 1.30
C ALA A 167 -10.75 -8.61 2.35
N ASP A 168 -9.74 -7.83 1.94
CA ASP A 168 -9.12 -6.88 2.85
C ASP A 168 -8.77 -5.59 2.14
N ILE A 169 -8.92 -4.49 2.88
CA ILE A 169 -8.41 -3.19 2.45
C ILE A 169 -7.00 -3.06 2.98
N THR A 170 -6.07 -2.61 2.11
CA THR A 170 -4.66 -2.61 2.48
C THR A 170 -4.18 -1.22 2.91
N THR A 171 -2.97 -1.19 3.48
CA THR A 171 -2.38 0.08 3.88
C THR A 171 -1.88 0.94 2.70
N ARG A 172 -2.14 0.47 1.47
CA ARG A 172 -1.99 1.31 0.27
C ARG A 172 -3.35 1.58 -0.40
N GLN A 173 -4.41 1.63 0.43
CA GLN A 173 -5.79 1.93 -0.02
C GLN A 173 -6.18 1.08 -1.24
N ASN A 174 -5.94 -0.22 -1.12
CA ASN A 174 -6.08 -1.19 -2.20
C ASN A 174 -6.94 -2.36 -1.76
N TRP A 175 -7.46 -3.12 -2.73
CA TRP A 175 -8.16 -4.37 -2.43
C TRP A 175 -7.24 -5.58 -2.54
N GLN A 176 -7.38 -6.50 -1.59
CA GLN A 176 -6.91 -7.89 -1.75
C GLN A 176 -8.09 -8.82 -1.58
N ILE A 177 -8.15 -9.83 -2.43
CA ILE A 177 -9.13 -10.92 -2.29
C ILE A 177 -8.39 -12.22 -1.99
N ARG A 178 -9.09 -13.17 -1.37
CA ARG A 178 -8.47 -14.41 -0.90
C ARG A 178 -9.30 -15.62 -1.30
N GLY A 179 -8.60 -16.75 -1.43
CA GLY A 179 -9.23 -18.05 -1.69
C GLY A 179 -9.03 -18.56 -3.11
N VAL A 180 -8.47 -17.72 -3.97
CA VAL A 180 -8.35 -18.03 -5.40
C VAL A 180 -7.59 -19.35 -5.61
N VAL A 181 -8.13 -20.19 -6.48
CA VAL A 181 -7.44 -21.41 -6.90
C VAL A 181 -6.88 -21.19 -8.30
N LEU A 182 -5.72 -21.80 -8.58
CA LEU A 182 -5.03 -21.60 -9.85
C LEU A 182 -5.92 -21.85 -11.10
N PRO A 183 -6.68 -22.97 -11.13
CA PRO A 183 -7.51 -23.19 -12.32
C PRO A 183 -8.48 -22.08 -12.67
N ASP A 184 -8.88 -21.27 -11.67
CA ASP A 184 -9.82 -20.17 -11.89
C ASP A 184 -9.16 -18.87 -12.35
N VAL A 185 -7.83 -18.82 -12.34
CA VAL A 185 -7.10 -17.57 -12.63
C VAL A 185 -7.44 -16.96 -14.02
N PRO A 186 -7.36 -17.76 -15.10
CA PRO A 186 -7.72 -17.16 -16.39
C PRO A 186 -9.10 -16.49 -16.42
N GLU A 187 -10.11 -17.12 -15.82
CA GLU A 187 -11.45 -16.52 -15.81
C GLU A 187 -11.50 -15.26 -14.94
N ILE A 188 -10.77 -15.27 -13.82
CA ILE A 188 -10.75 -14.08 -12.96
C ILE A 188 -10.05 -12.90 -13.65
N LEU A 189 -8.94 -13.16 -14.34
CA LEU A 189 -8.27 -12.10 -15.10
C LEU A 189 -9.23 -11.48 -16.11
N LYS A 190 -10.00 -12.33 -16.80
CA LYS A 190 -10.98 -11.86 -17.77
C LYS A 190 -12.09 -11.04 -17.10
N GLY A 191 -12.59 -11.53 -15.96
CA GLY A 191 -13.65 -10.84 -15.22
C GLY A 191 -13.20 -9.49 -14.69
N LEU A 192 -11.97 -9.42 -14.19
CA LEU A 192 -11.43 -8.14 -13.73
C LEU A 192 -11.38 -7.13 -14.86
N ALA A 193 -10.87 -7.56 -16.01
CA ALA A 193 -10.78 -6.70 -17.20
C ALA A 193 -12.15 -6.18 -17.59
N GLU A 194 -13.15 -7.05 -17.51
CA GLU A 194 -14.51 -6.73 -17.93
C GLU A 194 -15.11 -5.60 -17.09
N VAL A 195 -14.74 -5.53 -15.82
CA VAL A 195 -15.25 -4.50 -14.92
C VAL A 195 -14.27 -3.32 -14.74
N GLY A 196 -13.20 -3.31 -15.53
CA GLY A 196 -12.27 -2.17 -15.54
C GLY A 196 -11.20 -2.20 -14.48
N LEU A 197 -10.84 -3.41 -14.04
CA LEU A 197 -9.78 -3.59 -13.04
C LEU A 197 -8.59 -4.31 -13.65
N THR A 198 -7.43 -4.05 -13.09
CA THR A 198 -6.24 -4.84 -13.37
C THR A 198 -5.56 -5.26 -12.06
N SER A 199 -4.87 -6.39 -12.09
CA SER A 199 -4.04 -6.84 -10.97
C SER A 199 -2.55 -6.81 -11.33
N LEU A 200 -2.22 -6.16 -12.44
CA LEU A 200 -0.84 -6.21 -12.96
C LEU A 200 0.19 -5.57 -12.05
N GLN A 201 1.33 -6.25 -11.90
CA GLN A 201 2.55 -5.65 -11.36
C GLN A 201 2.35 -5.12 -9.93
N SER A 202 1.57 -5.85 -9.14
CA SER A 202 1.21 -5.35 -7.82
C SER A 202 2.07 -5.93 -6.69
N GLY A 203 2.87 -6.95 -7.00
CA GLY A 203 3.79 -7.55 -6.05
C GLY A 203 5.19 -7.64 -6.63
N MET A 204 6.11 -8.18 -5.83
CA MET A 204 7.52 -8.32 -6.22
C MET A 204 8.15 -7.02 -6.75
N ASP A 205 8.97 -7.13 -7.79
CA ASP A 205 9.91 -6.07 -8.18
C ASP A 205 9.28 -5.09 -9.17
N ASN A 206 8.21 -4.47 -8.68
CA ASN A 206 7.27 -3.70 -9.48
C ASN A 206 6.87 -2.42 -8.76
N VAL A 207 6.28 -1.52 -9.53
CA VAL A 207 5.71 -0.29 -9.00
C VAL A 207 4.37 -0.62 -8.34
N ARG A 208 4.29 -0.28 -7.06
CA ARG A 208 3.14 -0.65 -6.21
C ARG A 208 2.01 0.37 -6.33
N ASN A 209 0.89 0.13 -5.64
CA ASN A 209 -0.30 0.94 -5.87
C ASN A 209 -0.04 2.44 -5.68
N PRO A 210 -0.37 3.27 -6.69
CA PRO A 210 -0.24 4.73 -6.50
C PRO A 210 -1.26 5.31 -5.54
N VAL A 211 -0.78 5.81 -4.40
CA VAL A 211 -1.62 6.35 -3.34
C VAL A 211 -1.85 7.85 -3.58
N GLY A 212 -3.07 8.30 -3.31
CA GLY A 212 -3.41 9.72 -3.42
C GLY A 212 -4.28 10.16 -2.25
N ASN A 213 -4.91 11.32 -2.41
CA ASN A 213 -5.75 11.90 -1.38
C ASN A 213 -7.11 11.23 -1.38
N PRO A 214 -7.53 10.61 -0.24
CA PRO A 214 -8.85 9.95 -0.26
C PRO A 214 -9.99 10.96 -0.43
N LEU A 215 -9.71 12.25 -0.22
CA LEU A 215 -10.73 13.28 -0.37
C LEU A 215 -10.62 14.01 -1.71
N ALA A 216 -9.89 13.41 -2.67
CA ALA A 216 -9.64 14.07 -3.95
C ALA A 216 -10.94 14.44 -4.64
N GLY A 217 -11.04 15.70 -5.05
CA GLY A 217 -12.18 16.16 -5.83
C GLY A 217 -13.39 16.55 -5.02
N ILE A 218 -13.41 16.20 -3.73
CA ILE A 218 -14.59 16.42 -2.89
C ILE A 218 -14.38 17.31 -1.66
N ASP A 219 -13.13 17.45 -1.21
CA ASP A 219 -12.82 18.23 -0.02
C ASP A 219 -12.71 19.71 -0.33
N PRO A 220 -13.50 20.56 0.36
CA PRO A 220 -13.32 22.01 0.20
C PRO A 220 -11.88 22.49 0.44
N GLU A 221 -11.10 21.73 1.22
CA GLU A 221 -9.74 22.15 1.61
C GLU A 221 -8.61 21.49 0.80
N GLU A 222 -8.93 20.77 -0.26
CA GLU A 222 -7.86 20.10 -1.00
C GLU A 222 -6.96 21.10 -1.72
N ILE A 223 -5.72 20.69 -1.93
CA ILE A 223 -4.77 21.50 -2.68
C ILE A 223 -4.97 21.28 -4.18
N VAL A 224 -4.93 20.01 -4.58
CA VAL A 224 -5.11 19.63 -5.97
C VAL A 224 -5.68 18.21 -6.02
N ASP A 225 -6.65 17.98 -6.91
CA ASP A 225 -7.24 16.66 -7.12
C ASP A 225 -6.16 15.70 -7.61
N THR A 226 -5.91 14.65 -6.84
CA THR A 226 -4.82 13.71 -7.14
C THR A 226 -5.20 12.62 -8.13
N ARG A 227 -6.50 12.47 -8.40
CA ARG A 227 -6.96 11.35 -9.23
C ARG A 227 -6.37 11.36 -10.64
N PRO A 228 -6.34 12.52 -11.33
CA PRO A 228 -5.76 12.47 -12.68
C PRO A 228 -4.31 11.97 -12.68
N TYR A 229 -3.56 12.34 -11.65
CA TYR A 229 -2.15 11.97 -11.59
C TYR A 229 -1.92 10.51 -11.20
N THR A 230 -2.64 10.04 -10.18
CA THR A 230 -2.52 8.63 -9.82
C THR A 230 -3.04 7.73 -10.94
N ASN A 231 -4.13 8.14 -11.61
CA ASN A 231 -4.62 7.42 -12.79
C ASN A 231 -3.54 7.32 -13.87
N LEU A 232 -2.93 8.46 -14.20
CA LEU A 232 -1.87 8.48 -15.21
C LEU A 232 -0.70 7.57 -14.81
N LEU A 233 -0.30 7.63 -13.55
CA LEU A 233 0.78 6.76 -13.10
C LEU A 233 0.41 5.29 -13.27
N SER A 234 -0.80 4.91 -12.85
CA SER A 234 -1.22 3.52 -12.96
C SER A 234 -1.26 3.06 -14.43
N GLN A 235 -1.76 3.93 -15.31
CA GLN A 235 -1.81 3.63 -16.75
C GLN A 235 -0.41 3.44 -17.31
N PHE A 236 0.51 4.33 -16.92
CA PHE A 236 1.92 4.20 -17.32
C PHE A 236 2.55 2.89 -16.81
N ILE A 237 2.42 2.63 -15.52
CA ILE A 237 3.03 1.45 -14.89
C ILE A 237 2.57 0.17 -15.56
N THR A 238 1.26 0.07 -15.83
CA THR A 238 0.69 -1.17 -16.35
C THR A 238 0.57 -1.20 -17.87
N GLY A 239 1.07 -0.17 -18.55
CA GLY A 239 0.88 -0.09 -20.00
C GLY A 239 -0.59 -0.19 -20.39
N ASN A 240 -1.41 0.63 -19.75
CA ASN A 240 -2.86 0.64 -19.98
C ASN A 240 -3.46 -0.76 -19.83
N SER A 241 -3.02 -1.45 -18.79
CA SER A 241 -3.51 -2.78 -18.41
C SER A 241 -3.11 -3.92 -19.36
N ARG A 242 -2.11 -3.66 -20.19
CA ARG A 242 -1.55 -4.69 -21.08
C ARG A 242 -0.24 -5.24 -20.55
N GLY A 243 0.36 -4.53 -19.59
CA GLY A 243 1.69 -4.84 -19.09
C GLY A 243 2.73 -3.87 -19.62
N ASN A 244 3.63 -3.42 -18.73
CA ASN A 244 4.74 -2.57 -19.17
C ASN A 244 6.09 -3.14 -18.74
N PRO A 245 6.68 -3.99 -19.58
CA PRO A 245 8.01 -4.58 -19.28
C PRO A 245 9.14 -3.60 -18.95
N ALA A 246 9.03 -2.34 -19.39
CA ALA A 246 10.09 -1.35 -19.14
C ALA A 246 10.25 -1.05 -17.65
N VAL A 247 9.20 -1.30 -16.86
CA VAL A 247 9.27 -0.98 -15.43
C VAL A 247 8.96 -2.21 -14.54
N SER A 248 9.01 -3.40 -15.12
CA SER A 248 8.69 -4.64 -14.36
C SER A 248 9.91 -5.46 -13.97
N ASN A 249 11.10 -5.00 -14.35
CA ASN A 249 12.33 -5.64 -13.87
C ASN A 249 13.17 -4.68 -13.05
N LEU A 250 12.59 -4.22 -11.94
CA LEU A 250 13.31 -3.37 -11.00
C LEU A 250 14.17 -4.23 -10.07
N PRO A 251 15.18 -3.63 -9.43
CA PRO A 251 15.91 -4.37 -8.39
C PRO A 251 15.05 -4.75 -7.17
N ARG A 252 13.91 -4.06 -7.00
CA ARG A 252 13.10 -4.21 -5.81
C ARG A 252 11.79 -3.44 -6.01
N LYS A 253 10.82 -3.72 -5.16
CA LYS A 253 9.57 -2.94 -5.12
C LYS A 253 9.83 -1.44 -5.02
N TRP A 254 8.83 -0.65 -5.42
CA TRP A 254 9.00 0.80 -5.48
C TRP A 254 7.61 1.40 -5.36
N LYS A 255 7.45 2.34 -4.43
CA LYS A 255 6.14 2.85 -4.01
C LYS A 255 6.00 4.35 -4.31
N PRO A 256 4.99 4.74 -5.12
CA PRO A 256 4.72 6.16 -5.37
C PRO A 256 3.45 6.72 -4.72
N CYS A 257 3.48 8.00 -4.39
CA CYS A 257 2.25 8.69 -3.99
C CYS A 257 2.22 10.12 -4.51
N VAL A 258 1.00 10.64 -4.69
CA VAL A 258 0.80 12.02 -5.12
C VAL A 258 0.01 12.75 -4.04
N VAL A 259 0.57 13.84 -3.53
CA VAL A 259 -0.05 14.59 -2.44
C VAL A 259 -1.05 15.63 -2.96
N GLY A 260 -2.22 15.67 -2.34
CA GLY A 260 -3.19 16.71 -2.62
C GLY A 260 -3.88 17.29 -1.41
N SER A 261 -3.43 16.90 -0.22
CA SER A 261 -4.06 17.31 1.04
C SER A 261 -3.03 17.99 1.92
N HIS A 262 -3.46 19.03 2.64
CA HIS A 262 -2.61 19.59 3.68
C HIS A 262 -2.38 18.59 4.81
N ASP A 263 -3.32 17.66 4.96
CA ASP A 263 -3.26 16.65 6.01
C ASP A 263 -2.12 15.65 5.77
N LEU A 264 -1.68 15.56 4.51
CA LEU A 264 -0.72 14.55 4.07
C LEU A 264 -1.24 13.13 4.37
N TYR A 265 -2.50 12.91 3.99
CA TYR A 265 -3.10 11.57 4.07
C TYR A 265 -2.32 10.52 3.29
N GLU A 266 -1.45 10.98 2.38
CA GLU A 266 -0.76 10.12 1.41
C GLU A 266 0.56 9.55 1.93
N HIS A 267 0.97 10.01 3.11
CA HIS A 267 2.24 9.60 3.72
C HIS A 267 3.44 9.74 2.79
N PRO A 268 3.67 10.96 2.26
CA PRO A 268 4.78 11.14 1.32
C PRO A 268 6.15 10.79 1.92
N HIS A 269 6.28 10.93 3.23
CA HIS A 269 7.57 10.68 3.88
C HIS A 269 8.04 9.22 3.79
N ILE A 270 7.14 8.29 3.50
CA ILE A 270 7.53 6.87 3.46
C ILE A 270 7.42 6.24 2.08
N ASN A 271 7.34 7.07 1.05
CA ASN A 271 7.28 6.57 -0.32
C ASN A 271 8.60 6.71 -1.07
N ASP A 272 8.83 5.84 -2.05
CA ASP A 272 10.01 5.93 -2.92
C ASP A 272 10.01 7.16 -3.78
N LEU A 273 8.81 7.57 -4.21
CA LEU A 273 8.64 8.84 -4.91
C LEU A 273 7.36 9.48 -4.40
N ALA A 274 7.49 10.70 -3.89
CA ALA A 274 6.34 11.51 -3.46
C ALA A 274 6.32 12.82 -4.22
N TYR A 275 5.16 13.12 -4.80
CA TYR A 275 4.94 14.39 -5.49
C TYR A 275 4.28 15.38 -4.54
N MET A 276 5.02 16.44 -4.19
CA MET A 276 4.55 17.47 -3.27
C MET A 276 4.11 18.69 -4.08
N PRO A 277 2.82 19.05 -4.01
CA PRO A 277 2.36 20.14 -4.88
C PRO A 277 3.05 21.44 -4.53
N ALA A 278 3.52 22.16 -5.55
CA ALA A 278 4.31 23.36 -5.35
C ALA A 278 4.23 24.25 -6.58
N THR A 279 4.10 25.55 -6.35
CA THR A 279 4.17 26.51 -7.44
C THR A 279 5.64 26.93 -7.57
N LYS A 280 6.13 27.01 -8.81
CA LYS A 280 7.47 27.50 -9.08
C LYS A 280 7.44 28.50 -10.23
N ASP A 281 7.90 29.73 -9.93
CA ASP A 281 7.94 30.79 -10.92
C ASP A 281 6.58 30.95 -11.61
N GLY A 282 5.53 30.91 -10.80
CA GLY A 282 4.16 31.15 -11.27
C GLY A 282 3.48 29.97 -11.96
N ARG A 283 4.09 28.79 -11.88
CA ARG A 283 3.56 27.58 -12.54
C ARG A 283 3.26 26.48 -11.54
N PHE A 284 2.16 25.77 -11.76
CA PHE A 284 1.81 24.67 -10.87
C PHE A 284 2.57 23.39 -11.23
N GLY A 285 3.10 22.72 -10.21
CA GLY A 285 3.78 21.46 -10.39
C GLY A 285 4.01 20.77 -9.06
N PHE A 286 5.09 19.98 -9.02
CA PHE A 286 5.41 19.19 -7.84
C PHE A 286 6.90 19.20 -7.54
N ASN A 287 7.24 19.45 -6.26
CA ASN A 287 8.58 19.12 -5.78
C ASN A 287 8.62 17.62 -5.54
N LEU A 288 9.81 17.02 -5.70
CA LEU A 288 9.94 15.57 -5.61
C LEU A 288 10.75 15.11 -4.40
N LEU A 289 10.14 14.20 -3.63
CA LEU A 289 10.84 13.51 -2.54
C LEU A 289 11.10 12.09 -2.97
N VAL A 290 12.27 11.56 -2.61
CA VAL A 290 12.68 10.22 -3.06
C VAL A 290 13.23 9.33 -1.95
N GLY A 291 12.99 8.03 -2.09
CA GLY A 291 13.71 7.03 -1.29
C GLY A 291 13.11 6.55 0.01
N GLY A 292 11.97 7.11 0.42
CA GLY A 292 11.34 6.65 1.67
C GLY A 292 11.02 5.17 1.58
N PHE A 293 11.35 4.42 2.64
CA PHE A 293 11.03 3.00 2.69
C PHE A 293 11.15 2.45 4.10
N PHE A 294 10.44 1.34 4.33
CA PHE A 294 10.60 0.57 5.57
C PHE A 294 11.11 -0.84 5.24
N SER A 295 11.88 -1.40 6.18
CA SER A 295 12.35 -2.78 6.07
C SER A 295 12.72 -3.24 7.47
N ALA A 296 12.99 -4.54 7.60
CA ALA A 296 13.38 -5.09 8.89
C ALA A 296 14.66 -4.42 9.39
N LYS A 297 15.58 -4.21 8.43
CA LYS A 297 16.94 -3.68 8.62
C LYS A 297 16.98 -2.17 8.88
N ARG A 298 16.13 -1.43 8.16
CA ARG A 298 16.31 0.00 8.01
C ARG A 298 15.02 0.65 7.60
N CYS A 299 14.68 1.74 8.27
CA CYS A 299 13.57 2.60 7.88
C CYS A 299 14.08 4.00 7.65
N ASP A 300 13.74 4.58 6.51
CA ASP A 300 14.24 5.89 6.12
C ASP A 300 13.12 6.74 5.57
N GLU A 301 13.05 8.02 5.97
CA GLU A 301 12.14 8.98 5.36
C GLU A 301 12.67 9.45 4.00
N ALA A 302 11.74 9.75 3.08
CA ALA A 302 12.11 10.31 1.79
C ALA A 302 12.83 11.65 1.93
N ILE A 303 13.78 11.89 1.03
CA ILE A 303 14.57 13.12 1.03
C ILE A 303 14.33 13.89 -0.24
N PRO A 304 14.55 15.22 -0.21
CA PRO A 304 14.38 15.97 -1.45
C PRO A 304 15.36 15.53 -2.55
N LEU A 305 14.84 15.35 -3.75
CA LEU A 305 15.68 15.16 -4.93
C LEU A 305 16.28 16.50 -5.36
N ASP A 306 15.75 17.60 -4.80
CA ASP A 306 16.01 18.97 -5.27
C ASP A 306 15.55 19.10 -6.72
N ALA A 307 14.28 18.78 -6.93
CA ALA A 307 13.70 18.81 -8.26
C ALA A 307 12.25 19.21 -8.20
N TRP A 308 11.85 20.06 -9.15
CA TRP A 308 10.46 20.44 -9.37
C TRP A 308 10.13 20.10 -10.82
N VAL A 309 8.93 19.58 -11.04
CA VAL A 309 8.44 19.35 -12.41
C VAL A 309 7.08 20.02 -12.60
N PRO A 310 6.83 20.55 -13.80
CA PRO A 310 5.46 21.02 -14.08
C PRO A 310 4.50 19.85 -13.96
N ALA A 311 3.22 20.14 -13.70
CA ALA A 311 2.22 19.08 -13.52
C ALA A 311 2.20 18.08 -14.68
N ASP A 312 2.42 18.57 -15.91
CA ASP A 312 2.38 17.68 -17.07
C ASP A 312 3.56 16.70 -17.15
N ASP A 313 4.57 16.92 -16.31
CA ASP A 313 5.76 16.06 -16.31
C ASP A 313 5.73 14.95 -15.25
N VAL A 314 4.58 14.72 -14.63
CA VAL A 314 4.45 13.67 -13.64
C VAL A 314 4.89 12.30 -14.18
N VAL A 315 4.35 11.90 -15.33
CA VAL A 315 4.73 10.61 -15.90
C VAL A 315 6.18 10.60 -16.43
N PRO A 316 6.59 11.60 -17.24
CA PRO A 316 8.00 11.63 -17.63
C PRO A 316 9.01 11.46 -16.49
N VAL A 317 8.82 12.14 -15.36
CA VAL A 317 9.79 12.02 -14.27
C VAL A 317 9.67 10.68 -13.53
N CYS A 318 8.45 10.15 -13.41
CA CYS A 318 8.31 8.80 -12.87
C CYS A 318 9.12 7.82 -13.71
N ARG A 319 8.99 7.92 -15.04
CA ARG A 319 9.71 7.06 -15.96
C ARG A 319 11.23 7.24 -15.79
N ALA A 320 11.69 8.48 -15.72
CA ALA A 320 13.13 8.75 -15.60
C ALA A 320 13.72 8.16 -14.32
N ILE A 321 13.00 8.32 -13.21
CA ILE A 321 13.47 7.79 -11.92
C ILE A 321 13.50 6.26 -11.95
N LEU A 322 12.44 5.66 -12.50
CA LEU A 322 12.37 4.20 -12.59
C LEU A 322 13.45 3.63 -13.50
N GLU A 323 13.70 4.32 -14.62
CA GLU A 323 14.78 3.90 -15.52
C GLU A 323 16.15 3.95 -14.85
N ALA A 324 16.41 5.02 -14.10
CA ALA A 324 17.67 5.13 -13.34
C ALA A 324 17.82 4.00 -12.32
N PHE A 325 16.75 3.72 -11.57
CA PHE A 325 16.73 2.65 -10.59
C PHE A 325 16.92 1.27 -11.25
N ARG A 326 16.13 1.00 -12.27
CA ARG A 326 16.25 -0.21 -13.07
C ARG A 326 17.66 -0.41 -13.63
N ASP A 327 18.19 0.64 -14.24
CA ASP A 327 19.48 0.57 -14.95
C ASP A 327 20.67 0.39 -14.01
N LEU A 328 20.58 0.99 -12.83
CA LEU A 328 21.77 1.18 -11.99
C LEU A 328 21.75 0.50 -10.62
N GLY A 329 20.57 0.11 -10.15
CA GLY A 329 20.44 -0.43 -8.80
C GLY A 329 21.20 -1.72 -8.56
N PHE A 330 21.79 -1.81 -7.37
CA PHE A 330 22.34 -3.05 -6.80
C PHE A 330 21.30 -4.19 -6.89
N ARG A 331 21.78 -5.40 -7.18
CA ARG A 331 20.92 -6.59 -7.27
C ARG A 331 21.51 -7.79 -6.50
N GLY A 332 22.21 -7.46 -5.41
CA GLY A 332 22.73 -8.46 -4.47
C GLY A 332 21.77 -8.70 -3.32
N ASN A 333 22.31 -8.75 -2.10
CA ASN A 333 21.51 -8.88 -0.87
C ASN A 333 20.20 -8.09 -0.99
N ARG A 334 19.08 -8.79 -0.94
CA ARG A 334 17.76 -8.14 -1.12
C ARG A 334 17.50 -7.01 -0.13
N GLN A 335 18.14 -7.06 1.04
CA GLN A 335 17.96 -6.02 2.05
C GLN A 335 18.69 -4.71 1.71
N LYS A 336 19.46 -4.72 0.62
CA LYS A 336 20.22 -3.54 0.18
C LYS A 336 19.84 -3.12 -1.25
N CYS A 337 18.63 -3.49 -1.68
CA CYS A 337 18.19 -3.24 -3.06
C CYS A 337 17.12 -2.16 -3.23
N ARG A 338 16.52 -1.68 -2.14
CA ARG A 338 15.56 -0.56 -2.29
C ARG A 338 16.28 0.67 -2.83
N MET A 339 15.56 1.55 -3.50
CA MET A 339 16.19 2.68 -4.19
C MET A 339 17.03 3.58 -3.29
N MET A 340 16.65 3.75 -2.01
CA MET A 340 17.44 4.61 -1.13
C MET A 340 18.92 4.18 -1.10
N TRP A 341 19.16 2.87 -1.23
CA TRP A 341 20.53 2.36 -1.22
C TRP A 341 21.34 2.87 -2.42
N LEU A 342 20.67 3.00 -3.57
CA LEU A 342 21.30 3.56 -4.77
C LEU A 342 21.61 5.03 -4.56
N ILE A 343 20.67 5.75 -3.95
CA ILE A 343 20.86 7.16 -3.65
C ILE A 343 22.04 7.36 -2.71
N ASP A 344 22.18 6.50 -1.72
CA ASP A 344 23.32 6.59 -0.80
C ASP A 344 24.64 6.28 -1.51
N GLU A 345 24.61 5.32 -2.43
CA GLU A 345 25.81 4.94 -3.17
C GLU A 345 26.31 6.05 -4.12
N LEU A 346 25.38 6.65 -4.86
CA LEU A 346 25.72 7.70 -5.83
C LEU A 346 25.76 9.08 -5.20
N GLY A 347 25.13 9.23 -4.04
CA GLY A 347 24.83 10.53 -3.48
C GLY A 347 23.58 11.06 -4.17
N VAL A 348 22.82 11.90 -3.47
CA VAL A 348 21.58 12.42 -4.04
C VAL A 348 21.84 13.22 -5.34
N GLU A 349 22.93 14.00 -5.38
CA GLU A 349 23.29 14.72 -6.60
C GLU A 349 23.67 13.80 -7.77
N GLY A 350 24.42 12.75 -7.49
CA GLY A 350 24.76 11.75 -8.49
C GLY A 350 23.51 11.08 -9.04
N PHE A 351 22.60 10.70 -8.14
CA PHE A 351 21.33 10.12 -8.55
C PHE A 351 20.48 11.11 -9.36
N ARG A 352 20.39 12.34 -8.86
CA ARG A 352 19.69 13.40 -9.59
C ARG A 352 20.17 13.54 -11.03
N ALA A 353 21.49 13.49 -11.24
CA ALA A 353 22.05 13.60 -12.58
C ALA A 353 21.57 12.48 -13.50
N GLU A 354 21.39 11.29 -12.92
CA GLU A 354 20.90 10.13 -13.67
C GLU A 354 19.43 10.28 -14.07
N VAL A 355 18.63 10.88 -13.19
CA VAL A 355 17.24 11.20 -13.51
C VAL A 355 17.20 12.25 -14.62
N GLU A 356 17.98 13.32 -14.44
CA GLU A 356 18.03 14.42 -15.38
C GLU A 356 18.37 13.98 -16.80
N LYS A 357 19.35 13.08 -16.94
CA LYS A 357 19.76 12.63 -18.28
C LYS A 357 18.69 11.81 -18.98
N ARG A 358 17.72 11.30 -18.20
CA ARG A 358 16.63 10.48 -18.72
C ARG A 358 15.31 11.26 -18.91
N MET A 359 15.35 12.55 -18.64
CA MET A 359 14.19 13.42 -18.91
C MET A 359 14.18 13.85 -20.38
N PRO A 360 12.99 14.08 -20.95
CA PRO A 360 12.93 14.65 -22.30
C PRO A 360 13.67 16.00 -22.33
N GLN A 361 14.49 16.19 -23.37
CA GLN A 361 15.38 17.36 -23.49
C GLN A 361 16.36 17.49 -22.32
N GLN A 362 16.46 16.42 -21.53
CA GLN A 362 17.41 16.32 -20.40
C GLN A 362 17.31 17.51 -19.45
N GLN A 363 16.06 17.92 -19.20
CA GLN A 363 15.80 19.06 -18.33
C GLN A 363 15.04 18.67 -17.05
N LEU A 364 15.61 19.13 -15.93
CA LEU A 364 15.05 18.88 -14.61
C LEU A 364 15.35 20.07 -13.71
N GLU A 365 14.35 20.91 -13.51
CA GLU A 365 14.49 22.12 -12.70
C GLU A 365 14.74 21.77 -11.23
N ARG A 366 15.38 22.70 -10.51
CA ARG A 366 15.60 22.57 -9.08
C ARG A 366 14.28 22.77 -8.30
N ALA A 367 14.24 22.27 -7.07
CA ALA A 367 13.02 22.39 -6.25
C ALA A 367 12.60 23.84 -6.07
N SER A 368 11.28 24.05 -6.01
CA SER A 368 10.77 25.35 -5.60
C SER A 368 11.04 25.56 -4.12
N PRO A 369 11.43 26.79 -3.72
CA PRO A 369 11.77 27.04 -2.33
C PRO A 369 10.64 26.71 -1.36
N GLU A 370 9.40 26.88 -1.81
CA GLU A 370 8.25 26.56 -0.98
C GLU A 370 7.30 25.63 -1.75
N ASP A 371 6.59 24.80 -1.00
CA ASP A 371 5.48 24.04 -1.60
C ASP A 371 4.14 24.57 -1.07
N LEU A 372 3.05 23.96 -1.54
CA LEU A 372 1.71 24.45 -1.25
C LEU A 372 1.10 23.87 0.02
N VAL A 373 1.80 22.92 0.64
CA VAL A 373 1.30 22.26 1.83
C VAL A 373 1.51 23.18 3.03
N GLN A 374 0.43 23.51 3.71
CA GLN A 374 0.50 24.40 4.86
C GLN A 374 0.97 23.61 6.08
N LYS A 375 2.06 24.05 6.69
CA LYS A 375 2.57 23.39 7.90
C LYS A 375 1.66 23.60 9.12
N GLN A 376 0.96 24.73 9.15
CA GLN A 376 -0.07 24.96 10.15
C GLN A 376 -1.30 24.14 9.78
N TRP A 377 -1.39 22.95 10.34
CA TRP A 377 -2.49 22.06 10.01
C TRP A 377 -2.66 20.98 11.05
N GLU A 378 -3.91 20.62 11.31
CA GLU A 378 -4.29 19.50 12.16
C GLU A 378 -4.98 18.45 11.27
N ARG A 379 -4.40 17.25 11.22
CA ARG A 379 -4.99 16.14 10.45
C ARG A 379 -6.47 16.00 10.80
N ARG A 380 -7.32 15.95 9.78
CA ARG A 380 -8.76 15.88 10.01
C ARG A 380 -9.32 14.46 9.96
N ASP A 381 -10.20 14.16 10.90
CA ASP A 381 -10.96 12.92 10.90
C ASP A 381 -11.81 12.93 9.64
N TYR A 382 -11.79 11.85 8.86
CA TYR A 382 -12.66 11.74 7.69
C TYR A 382 -13.82 10.77 7.95
N LEU A 383 -13.83 10.12 9.10
CA LEU A 383 -14.96 9.28 9.44
C LEU A 383 -16.15 10.18 9.78
N GLY A 384 -17.35 9.67 9.51
CA GLY A 384 -18.58 10.43 9.72
C GLY A 384 -19.01 11.20 8.48
N VAL A 385 -19.98 12.09 8.68
CA VAL A 385 -20.57 12.83 7.57
C VAL A 385 -19.92 14.20 7.41
N HIS A 386 -19.52 14.51 6.19
CA HIS A 386 -18.82 15.77 5.89
C HIS A 386 -19.35 16.39 4.63
N PRO A 387 -19.53 17.73 4.62
CA PRO A 387 -19.97 18.39 3.38
C PRO A 387 -18.88 18.38 2.30
N GLN A 388 -19.29 18.15 1.06
CA GLN A 388 -18.37 18.27 -0.07
C GLN A 388 -18.28 19.71 -0.57
N LYS A 389 -17.29 19.97 -1.40
CA LYS A 389 -17.21 21.28 -2.05
C LYS A 389 -18.37 21.52 -3.02
N GLN A 390 -18.97 20.45 -3.51
CA GLN A 390 -20.18 20.54 -4.34
C GLN A 390 -21.37 20.75 -3.42
N GLU A 391 -21.98 21.93 -3.50
CA GLU A 391 -23.11 22.29 -2.67
C GLU A 391 -24.25 21.26 -2.73
N GLY A 392 -24.75 20.89 -1.55
CA GLY A 392 -25.85 19.94 -1.42
C GLY A 392 -25.45 18.48 -1.33
N TYR A 393 -24.13 18.24 -1.33
CA TYR A 393 -23.59 16.87 -1.27
C TYR A 393 -22.69 16.68 -0.08
N SER A 394 -22.70 15.45 0.45
CA SER A 394 -21.81 15.05 1.53
C SER A 394 -21.08 13.76 1.18
N PHE A 395 -19.98 13.51 1.88
CA PHE A 395 -19.41 12.17 1.90
C PHE A 395 -19.53 11.57 3.29
N ILE A 396 -19.45 10.24 3.37
CA ILE A 396 -19.47 9.57 4.67
C ILE A 396 -18.28 8.64 4.77
N GLY A 397 -17.49 8.79 5.83
CA GLY A 397 -16.42 7.85 6.15
C GLY A 397 -16.97 6.77 7.08
N LEU A 398 -16.75 5.51 6.71
CA LEU A 398 -17.20 4.37 7.49
C LEU A 398 -16.02 3.54 7.96
N HIS A 399 -16.04 3.17 9.23
CA HIS A 399 -14.99 2.36 9.83
C HIS A 399 -15.15 0.90 9.44
N ILE A 400 -14.09 0.32 8.89
CA ILE A 400 -14.06 -1.11 8.59
C ILE A 400 -13.10 -1.76 9.59
N PRO A 401 -13.63 -2.52 10.56
CA PRO A 401 -12.75 -3.07 11.60
C PRO A 401 -11.60 -3.88 11.00
N VAL A 402 -10.37 -3.43 11.28
CA VAL A 402 -9.13 -3.99 10.72
C VAL A 402 -9.17 -4.34 9.23
N GLY A 403 -10.00 -3.63 8.46
CA GLY A 403 -10.01 -3.73 7.00
C GLY A 403 -10.60 -5.00 6.42
N ARG A 404 -11.20 -5.83 7.26
CA ARG A 404 -11.64 -7.17 6.86
C ARG A 404 -13.11 -7.20 6.50
N VAL A 405 -13.40 -7.71 5.29
CA VAL A 405 -14.80 -7.85 4.86
C VAL A 405 -15.09 -9.23 4.27
N GLN A 406 -16.35 -9.66 4.40
CA GLN A 406 -16.82 -10.85 3.70
C GLN A 406 -17.63 -10.45 2.47
N ALA A 407 -17.91 -11.44 1.62
CA ALA A 407 -18.67 -11.19 0.39
C ALA A 407 -19.98 -10.46 0.67
N ASP A 408 -20.73 -10.91 1.67
CA ASP A 408 -22.03 -10.26 1.99
C ASP A 408 -21.84 -8.79 2.38
N ASP A 409 -20.73 -8.49 3.07
CA ASP A 409 -20.44 -7.13 3.50
C ASP A 409 -20.14 -6.26 2.30
N MET A 410 -19.37 -6.79 1.35
CA MET A 410 -19.02 -6.05 0.14
C MET A 410 -20.27 -5.69 -0.66
N ASP A 411 -21.17 -6.66 -0.80
CA ASP A 411 -22.44 -6.39 -1.52
C ASP A 411 -23.24 -5.30 -0.83
N GLU A 412 -23.26 -5.33 0.50
CA GLU A 412 -24.01 -4.30 1.23
C GLU A 412 -23.40 -2.91 1.03
N LEU A 413 -22.08 -2.83 1.08
CA LEU A 413 -21.40 -1.55 0.85
C LEU A 413 -21.66 -1.04 -0.57
N ALA A 414 -21.63 -1.95 -1.55
CA ALA A 414 -21.95 -1.61 -2.93
C ALA A 414 -23.38 -1.11 -3.07
N ARG A 415 -24.31 -1.75 -2.35
CA ARG A 415 -25.71 -1.31 -2.34
C ARG A 415 -25.83 0.12 -1.79
N LEU A 416 -25.15 0.39 -0.67
CA LEU A 416 -25.18 1.73 -0.09
C LEU A 416 -24.65 2.76 -1.08
N ALA A 417 -23.55 2.44 -1.75
CA ALA A 417 -22.95 3.38 -2.71
C ALA A 417 -23.91 3.69 -3.88
N ASP A 418 -24.68 2.69 -4.31
CA ASP A 418 -25.69 2.88 -5.37
C ASP A 418 -26.91 3.67 -4.88
N GLU A 419 -27.41 3.31 -3.71
CA GLU A 419 -28.65 3.93 -3.20
C GLU A 419 -28.43 5.36 -2.75
N TYR A 420 -27.28 5.61 -2.13
CA TYR A 420 -27.00 6.89 -1.49
C TYR A 420 -26.01 7.78 -2.24
N GLY A 421 -25.00 7.16 -2.88
CA GLY A 421 -23.98 7.93 -3.59
C GLY A 421 -24.11 7.80 -5.09
N SER A 422 -22.95 7.70 -5.76
CA SER A 422 -22.91 7.65 -7.20
C SER A 422 -22.33 6.31 -7.66
N GLY A 423 -22.39 5.31 -6.78
CA GLY A 423 -21.81 4.01 -7.08
C GLY A 423 -20.31 3.95 -6.89
N GLU A 424 -19.75 4.95 -6.22
CA GLU A 424 -18.31 5.01 -5.92
C GLU A 424 -18.02 4.63 -4.46
N ILE A 425 -16.98 3.82 -4.24
CA ILE A 425 -16.48 3.51 -2.89
C ILE A 425 -14.99 3.83 -2.91
N ARG A 426 -14.52 4.57 -1.91
CA ARG A 426 -13.10 4.91 -1.82
C ARG A 426 -12.50 4.19 -0.63
N LEU A 427 -11.29 3.67 -0.84
CA LEU A 427 -10.56 3.00 0.23
C LEU A 427 -9.54 3.95 0.82
N THR A 428 -9.25 3.79 2.11
CA THR A 428 -8.22 4.62 2.75
C THR A 428 -7.07 3.77 3.28
N VAL A 429 -5.93 4.43 3.51
CA VAL A 429 -4.74 3.73 4.01
C VAL A 429 -4.86 3.27 5.48
N GLU A 430 -5.85 3.77 6.21
CA GLU A 430 -6.22 3.19 7.52
C GLU A 430 -7.21 2.05 7.36
N GLN A 431 -7.37 1.56 6.12
CA GLN A 431 -8.21 0.36 5.85
C GLN A 431 -9.66 0.64 6.22
N ASN A 432 -10.11 1.86 5.90
CA ASN A 432 -11.51 2.25 6.02
C ASN A 432 -12.08 2.59 4.64
N ILE A 433 -13.34 3.04 4.62
CA ILE A 433 -13.97 3.43 3.36
C ILE A 433 -14.61 4.81 3.45
N ILE A 434 -14.72 5.46 2.29
CA ILE A 434 -15.52 6.66 2.15
C ILE A 434 -16.50 6.44 1.01
N ILE A 435 -17.77 6.79 1.23
CA ILE A 435 -18.77 6.80 0.14
C ILE A 435 -19.07 8.27 -0.16
N PRO A 436 -18.59 8.77 -1.32
CA PRO A 436 -18.81 10.18 -1.68
C PRO A 436 -20.10 10.42 -2.46
N ASN A 437 -20.39 11.71 -2.66
CA ASN A 437 -21.41 12.14 -3.61
C ASN A 437 -22.83 11.75 -3.16
N ILE A 438 -23.09 11.93 -1.87
CA ILE A 438 -24.41 11.63 -1.30
C ILE A 438 -25.19 12.93 -1.15
N GLU A 439 -26.37 13.00 -1.77
CA GLU A 439 -27.22 14.17 -1.57
C GLU A 439 -27.46 14.30 -0.07
N THR A 440 -27.21 15.48 0.48
CA THR A 440 -27.22 15.66 1.93
C THR A 440 -28.58 15.32 2.56
N SER A 441 -29.65 15.54 1.81
CA SER A 441 -30.99 15.21 2.29
C SER A 441 -31.18 13.72 2.58
N LYS A 442 -30.31 12.87 2.03
CA LYS A 442 -30.42 11.41 2.22
C LYS A 442 -29.70 10.91 3.47
N ILE A 443 -28.93 11.78 4.10
CA ILE A 443 -28.06 11.38 5.24
C ILE A 443 -28.86 10.82 6.42
N GLU A 444 -29.96 11.49 6.78
CA GLU A 444 -30.83 11.00 7.87
C GLU A 444 -31.21 9.53 7.69
N ALA A 445 -31.64 9.18 6.48
CA ALA A 445 -32.01 7.81 6.16
C ALA A 445 -30.81 6.86 6.19
N LEU A 446 -29.68 7.32 5.67
CA LEU A 446 -28.45 6.51 5.62
C LEU A 446 -28.02 6.10 7.03
N LEU A 447 -28.11 7.03 7.98
CA LEU A 447 -27.58 6.77 9.31
C LEU A 447 -28.39 5.68 10.04
N LYS A 448 -29.59 5.42 9.55
CA LYS A 448 -30.46 4.36 10.11
C LYS A 448 -30.25 2.98 9.46
N GLU A 449 -29.38 2.90 8.44
CA GLU A 449 -29.10 1.63 7.77
C GLU A 449 -28.47 0.63 8.74
N PRO A 450 -29.05 -0.57 8.88
CA PRO A 450 -28.49 -1.56 9.82
C PRO A 450 -27.00 -1.84 9.67
N VAL A 451 -26.49 -1.87 8.44
CA VAL A 451 -25.08 -2.23 8.24
C VAL A 451 -24.14 -1.20 8.90
N LEU A 452 -24.63 0.03 9.13
CA LEU A 452 -23.81 1.05 9.81
C LEU A 452 -23.59 0.77 11.29
N SER A 453 -24.26 -0.23 11.85
CA SER A 453 -23.94 -0.65 13.23
C SER A 453 -22.64 -1.44 13.26
N THR A 454 -22.30 -2.04 12.12
CA THR A 454 -21.08 -2.82 11.99
C THR A 454 -19.94 -1.98 11.40
N PHE A 455 -20.26 -1.23 10.35
CA PHE A 455 -19.30 -0.34 9.68
C PHE A 455 -19.74 1.08 9.98
N SER A 456 -19.28 1.57 11.12
CA SER A 456 -19.86 2.75 11.75
C SER A 456 -19.23 4.06 11.28
N PRO A 457 -20.06 5.11 11.13
CA PRO A 457 -19.53 6.45 10.85
C PRO A 457 -18.94 7.11 12.09
N ASP A 458 -19.16 6.52 13.27
CA ASP A 458 -18.63 7.10 14.50
C ASP A 458 -18.28 6.04 15.53
N PRO A 459 -17.25 5.23 15.24
CA PRO A 459 -16.83 4.22 16.18
C PRO A 459 -16.05 4.87 17.31
N PRO A 460 -15.77 4.13 18.40
CA PRO A 460 -14.90 4.69 19.44
C PRO A 460 -13.55 5.14 18.86
N ILE A 461 -12.95 6.15 19.48
CA ILE A 461 -11.80 6.85 18.90
C ILE A 461 -10.60 5.93 18.60
N LEU A 462 -10.33 4.96 19.47
CA LEU A 462 -9.19 4.06 19.25
C LEU A 462 -9.39 3.16 18.03
N MET A 463 -10.64 2.81 17.76
CA MET A 463 -10.97 2.03 16.55
C MET A 463 -10.77 2.85 15.27
N LYS A 464 -11.11 4.14 15.31
CA LYS A 464 -10.92 5.04 14.17
C LYS A 464 -9.48 4.99 13.63
N GLY A 465 -8.53 4.85 14.55
CA GLY A 465 -7.11 4.94 14.19
C GLY A 465 -6.39 3.60 14.12
N LEU A 466 -7.13 2.52 14.34
CA LEU A 466 -6.54 1.18 14.38
C LEU A 466 -6.24 0.60 13.00
N VAL A 467 -5.00 0.18 12.79
CA VAL A 467 -4.53 -0.39 11.52
C VAL A 467 -3.83 -1.70 11.83
N ALA A 468 -4.11 -2.75 11.04
CA ALA A 468 -3.49 -4.06 11.28
C ALA A 468 -3.21 -4.77 9.98
N CYS A 469 -2.03 -5.39 9.87
CA CYS A 469 -1.74 -6.17 8.66
C CYS A 469 -2.42 -7.53 8.69
N THR A 470 -2.28 -8.23 7.57
CA THR A 470 -2.78 -9.59 7.40
C THR A 470 -2.48 -10.54 8.58
N GLY A 471 -1.21 -10.61 8.98
CA GLY A 471 -0.82 -11.52 10.05
C GLY A 471 -0.91 -12.99 9.69
N ASN A 472 -0.73 -13.84 10.68
CA ASN A 472 -0.53 -15.26 10.39
C ASN A 472 -1.77 -16.07 10.00
N GLN A 473 -2.94 -15.44 9.98
CA GLN A 473 -4.10 -16.10 9.40
C GLN A 473 -3.81 -16.55 7.97
N PHE A 474 -3.13 -15.70 7.21
CA PHE A 474 -2.80 -15.99 5.80
C PHE A 474 -1.32 -15.82 5.42
N CYS A 475 -0.61 -14.90 6.09
CA CYS A 475 0.73 -14.55 5.67
C CYS A 475 1.76 -15.53 6.26
N GLY A 476 2.62 -16.06 5.39
CA GLY A 476 3.65 -17.03 5.80
C GLY A 476 4.80 -16.44 6.58
N GLN A 477 4.99 -15.12 6.47
CA GLN A 477 6.08 -14.44 7.19
C GLN A 477 5.68 -14.07 8.60
N ALA A 478 4.37 -13.97 8.84
CA ALA A 478 3.86 -13.50 10.11
C ALA A 478 4.33 -14.36 11.28
N ILE A 479 4.72 -13.68 12.36
CA ILE A 479 5.11 -14.34 13.59
C ILE A 479 3.90 -14.54 14.53
N ILE A 480 2.94 -13.64 14.45
CA ILE A 480 1.74 -13.68 15.29
C ILE A 480 0.46 -13.46 14.47
N GLU A 481 -0.66 -13.75 15.12
CA GLU A 481 -1.97 -13.36 14.61
C GLU A 481 -2.19 -11.88 14.96
N THR A 482 -2.66 -11.11 13.98
CA THR A 482 -2.80 -9.66 14.14
C THR A 482 -4.22 -9.14 14.19
N LYS A 483 -5.02 -9.47 13.17
CA LYS A 483 -6.31 -8.78 13.02
C LYS A 483 -7.29 -9.06 14.17
N ALA A 484 -7.50 -10.33 14.50
CA ALA A 484 -8.38 -10.66 15.61
C ALA A 484 -7.84 -10.17 16.95
N ARG A 485 -6.54 -10.36 17.17
CA ARG A 485 -5.92 -9.94 18.42
C ARG A 485 -6.02 -8.44 18.64
N SER A 486 -5.70 -7.66 17.59
CA SER A 486 -5.71 -6.20 17.71
C SER A 486 -7.11 -5.68 18.03
N LEU A 487 -8.12 -6.29 17.44
CA LEU A 487 -9.51 -5.90 17.74
C LEU A 487 -9.84 -6.17 19.19
N LYS A 488 -9.47 -7.35 19.67
CA LYS A 488 -9.76 -7.77 21.04
C LYS A 488 -9.07 -6.86 22.06
N ILE A 489 -7.78 -6.62 21.84
CA ILE A 489 -7.03 -5.78 22.76
C ILE A 489 -7.55 -4.34 22.75
N THR A 490 -7.81 -3.80 21.57
CA THR A 490 -8.28 -2.42 21.47
C THR A 490 -9.64 -2.26 22.17
N GLU A 491 -10.53 -3.24 21.99
CA GLU A 491 -11.82 -3.23 22.68
C GLU A 491 -11.67 -3.24 24.21
N GLU A 492 -10.74 -4.05 24.71
CA GLU A 492 -10.55 -4.12 26.16
C GLU A 492 -9.93 -2.84 26.70
N VAL A 493 -9.00 -2.26 25.96
CA VAL A 493 -8.39 -0.98 26.34
C VAL A 493 -9.45 0.12 26.41
N GLN A 494 -10.29 0.21 25.39
CA GLN A 494 -11.27 1.30 25.33
C GLN A 494 -12.37 1.17 26.38
N ARG A 495 -12.58 -0.05 26.88
CA ARG A 495 -13.52 -0.31 27.96
C ARG A 495 -13.01 0.30 29.26
N GLN A 496 -11.69 0.44 29.36
CA GLN A 496 -11.05 0.91 30.58
C GLN A 496 -10.75 2.41 30.63
N VAL A 497 -10.58 3.04 29.47
CA VAL A 497 -10.26 4.46 29.43
C VAL A 497 -11.04 5.20 28.35
N SER A 498 -11.31 6.47 28.63
CA SER A 498 -11.82 7.38 27.63
C SER A 498 -10.70 8.35 27.23
N LEU A 499 -10.78 8.89 26.03
CA LEU A 499 -9.83 9.91 25.62
C LEU A 499 -10.34 10.74 24.47
N THR A 500 -9.68 11.87 24.25
CA THR A 500 -10.07 12.78 23.17
C THR A 500 -9.02 12.91 22.07
N LYS A 501 -7.75 12.61 22.39
CA LYS A 501 -6.69 12.62 21.38
C LYS A 501 -6.86 11.42 20.45
N PRO A 502 -6.76 11.66 19.12
CA PRO A 502 -6.93 10.59 18.12
C PRO A 502 -5.68 9.70 18.00
N VAL A 503 -5.45 8.89 19.03
CA VAL A 503 -4.29 8.01 19.09
C VAL A 503 -4.40 6.92 18.03
N ARG A 504 -3.31 6.75 17.27
CA ARG A 504 -3.27 5.83 16.14
C ARG A 504 -2.43 4.62 16.52
N MET A 505 -3.08 3.46 16.56
CA MET A 505 -2.40 2.21 16.91
C MET A 505 -2.28 1.28 15.70
N HIS A 506 -1.05 0.81 15.45
CA HIS A 506 -0.77 -0.04 14.30
C HIS A 506 -0.19 -1.37 14.76
N TRP A 507 -0.73 -2.46 14.23
CA TRP A 507 -0.29 -3.81 14.54
C TRP A 507 0.28 -4.47 13.29
N THR A 508 1.51 -4.95 13.38
CA THR A 508 2.16 -5.62 12.25
C THR A 508 2.73 -6.96 12.72
N GLY A 509 2.68 -7.97 11.86
CA GLY A 509 2.93 -9.36 12.27
C GLY A 509 4.37 -9.82 12.25
N CYS A 510 5.23 -9.03 11.61
CA CYS A 510 6.65 -9.35 11.51
C CYS A 510 7.42 -8.07 11.18
N PRO A 511 8.77 -8.14 11.19
CA PRO A 511 9.57 -6.94 10.90
C PRO A 511 9.42 -6.28 9.53
N ASN A 512 8.73 -6.91 8.58
CA ASN A 512 8.49 -6.25 7.31
C ASN A 512 7.65 -4.98 7.44
N THR A 513 6.91 -4.88 8.54
CA THR A 513 6.19 -3.65 8.93
C THR A 513 5.26 -3.09 7.84
N CYS A 514 4.51 -3.99 7.23
CA CYS A 514 3.48 -3.61 6.26
C CYS A 514 2.42 -2.71 6.87
N ALA A 515 2.16 -2.88 8.17
CA ALA A 515 1.23 -1.96 8.86
C ALA A 515 1.96 -0.79 9.54
N GLN A 516 3.22 -0.55 9.12
CA GLN A 516 3.85 0.75 9.32
C GLN A 516 3.92 1.13 10.81
N VAL A 517 4.39 0.24 11.67
CA VAL A 517 4.40 0.55 13.11
C VAL A 517 5.22 1.81 13.45
N GLN A 518 6.19 2.13 12.59
CA GLN A 518 7.04 3.31 12.74
C GLN A 518 6.31 4.65 12.52
N VAL A 519 5.08 4.60 11.99
CA VAL A 519 4.26 5.83 11.91
C VAL A 519 3.25 5.99 13.06
N ALA A 520 3.10 4.96 13.89
CA ALA A 520 2.05 4.92 14.90
C ALA A 520 2.34 5.73 16.15
N ASP A 521 1.29 6.21 16.81
CA ASP A 521 1.43 6.71 18.19
C ASP A 521 1.83 5.56 19.11
N ILE A 522 1.17 4.40 18.97
CA ILE A 522 1.63 3.18 19.63
C ILE A 522 1.62 2.07 18.60
N GLY A 523 2.78 1.46 18.39
CA GLY A 523 2.96 0.39 17.42
C GLY A 523 3.21 -0.96 18.09
N PHE A 524 2.81 -2.03 17.42
CA PHE A 524 2.96 -3.38 17.97
C PHE A 524 3.54 -4.27 16.87
N MET A 525 4.78 -4.73 17.05
CA MET A 525 5.41 -5.60 16.06
C MET A 525 5.51 -7.02 16.61
N GLY A 526 4.94 -7.97 15.86
CA GLY A 526 4.88 -9.35 16.30
C GLY A 526 6.22 -9.96 16.62
N CYS A 527 6.24 -10.76 17.69
CA CYS A 527 7.42 -11.53 18.09
C CYS A 527 6.96 -12.73 18.89
N LEU A 528 7.85 -13.70 19.08
CA LEU A 528 7.59 -14.74 20.07
C LEU A 528 8.39 -14.41 21.32
N THR A 529 7.78 -14.65 22.47
CA THR A 529 8.40 -14.32 23.73
C THR A 529 8.03 -15.41 24.75
N ARG A 530 8.20 -15.11 26.02
CA ARG A 530 8.02 -16.10 27.07
C ARG A 530 7.11 -15.59 28.19
N ASP A 531 6.25 -16.47 28.69
CA ASP A 531 5.45 -16.12 29.89
C ASP A 531 6.27 -16.35 31.16
N LYS A 532 5.67 -16.08 32.33
CA LYS A 532 6.37 -16.21 33.62
C LYS A 532 6.94 -17.61 33.88
N ASN A 533 6.35 -18.61 33.24
CA ASN A 533 6.81 -20.00 33.37
C ASN A 533 7.80 -20.43 32.27
N GLY A 534 8.15 -19.49 31.38
CA GLY A 534 9.08 -19.79 30.28
C GLY A 534 8.44 -20.46 29.09
N LYS A 535 7.12 -20.44 29.02
CA LYS A 535 6.39 -21.04 27.91
C LYS A 535 6.38 -20.08 26.72
N THR A 536 6.52 -20.62 25.52
CA THR A 536 6.42 -19.81 24.30
C THR A 536 5.02 -19.19 24.20
N VAL A 537 4.98 -17.87 24.00
CA VAL A 537 3.73 -17.15 23.79
C VAL A 537 3.91 -16.09 22.71
N GLU A 538 2.82 -15.70 22.06
CA GLU A 538 2.86 -14.58 21.13
C GLU A 538 3.08 -13.28 21.91
N GLY A 539 3.85 -12.38 21.32
CA GLY A 539 4.12 -11.10 21.95
C GLY A 539 4.22 -9.99 20.93
N ALA A 540 4.47 -8.78 21.43
CA ALA A 540 4.74 -7.65 20.57
C ALA A 540 5.87 -6.79 21.13
N ASP A 541 6.73 -6.32 20.23
CA ASP A 541 7.63 -5.20 20.53
C ASP A 541 6.78 -3.94 20.39
N VAL A 542 6.76 -3.11 21.42
CA VAL A 542 5.93 -1.91 21.44
C VAL A 542 6.75 -0.72 21.00
N PHE A 543 6.23 0.01 20.01
CA PHE A 543 6.88 1.20 19.43
C PHE A 543 6.17 2.46 19.89
N LEU A 544 6.94 3.52 20.11
CA LEU A 544 6.39 4.86 20.37
C LEU A 544 7.14 5.89 19.52
N GLY A 545 6.48 7.02 19.28
CA GLY A 545 7.14 8.19 18.72
C GLY A 545 6.81 8.53 17.28
N GLY A 546 5.96 7.71 16.65
CA GLY A 546 5.63 7.95 15.25
C GLY A 546 4.70 9.14 15.12
N ARG A 547 5.03 10.03 14.19
CA ARG A 547 4.19 11.20 13.88
C ARG A 547 3.97 11.26 12.38
N ILE A 548 2.79 11.71 11.99
CA ILE A 548 2.43 11.85 10.57
C ILE A 548 2.06 13.31 10.28
N GLY A 549 1.68 13.59 9.04
CA GLY A 549 1.50 14.99 8.62
C GLY A 549 2.82 15.66 8.31
N SER A 550 2.81 16.99 8.27
CA SER A 550 4.02 17.73 7.93
C SER A 550 5.16 17.55 8.94
N ASP A 551 4.81 17.42 10.21
CA ASP A 551 5.83 17.23 11.26
C ASP A 551 6.02 15.75 11.53
N SER A 552 6.41 15.03 10.48
CA SER A 552 6.54 13.58 10.55
C SER A 552 7.79 13.15 11.31
N HIS A 553 7.72 11.93 11.85
CA HIS A 553 8.82 11.37 12.61
C HIS A 553 8.64 9.87 12.67
N LEU A 554 9.75 9.13 12.61
CA LEU A 554 9.68 7.67 12.71
C LEU A 554 9.81 7.20 14.16
N GLY A 555 8.83 6.40 14.59
CA GLY A 555 8.83 5.80 15.92
C GLY A 555 9.88 4.72 16.04
N GLU A 556 10.17 4.35 17.29
CA GLU A 556 11.22 3.36 17.57
C GLU A 556 10.75 2.46 18.70
N VAL A 557 11.42 1.32 18.86
CA VAL A 557 11.07 0.37 19.91
C VAL A 557 11.18 1.01 21.29
N TYR A 558 10.13 0.85 22.08
CA TYR A 558 10.05 1.37 23.43
C TYR A 558 10.21 0.23 24.45
N LYS A 559 9.53 -0.89 24.21
CA LYS A 559 9.61 -2.05 25.08
C LYS A 559 9.52 -3.33 24.26
N LYS A 560 10.53 -4.19 24.39
CA LYS A 560 10.59 -5.42 23.63
C LYS A 560 9.82 -6.55 24.31
N ALA A 561 9.30 -7.46 23.49
CA ALA A 561 8.94 -8.80 23.95
C ALA A 561 7.85 -8.86 25.01
N VAL A 562 6.84 -8.01 24.86
CA VAL A 562 5.71 -8.02 25.79
C VAL A 562 4.71 -9.10 25.36
N PRO A 563 4.44 -10.10 26.23
CA PRO A 563 3.41 -11.08 25.87
C PRO A 563 2.10 -10.39 25.49
N CYS A 564 1.46 -10.85 24.42
CA CYS A 564 0.22 -10.22 23.96
C CYS A 564 -0.85 -10.19 25.07
N ASP A 565 -0.86 -11.22 25.90
CA ASP A 565 -1.81 -11.32 27.03
C ASP A 565 -1.58 -10.27 28.11
N ASP A 566 -0.43 -9.58 28.04
CA ASP A 566 -0.06 -8.55 29.03
C ASP A 566 -0.14 -7.13 28.47
N LEU A 567 -0.59 -6.98 27.23
CA LEU A 567 -0.59 -5.66 26.59
C LEU A 567 -1.64 -4.68 27.11
N VAL A 568 -2.80 -5.18 27.50
CA VAL A 568 -3.89 -4.27 27.91
C VAL A 568 -3.45 -3.29 29.03
N PRO A 569 -2.97 -3.80 30.18
CA PRO A 569 -2.55 -2.85 31.23
C PRO A 569 -1.40 -1.91 30.79
N LEU A 570 -0.47 -2.42 29.98
CA LEU A 570 0.63 -1.59 29.49
C LEU A 570 0.08 -0.41 28.67
N VAL A 571 -0.85 -0.73 27.76
CA VAL A 571 -1.42 0.25 26.83
C VAL A 571 -2.34 1.23 27.56
N VAL A 572 -3.17 0.72 28.46
CA VAL A 572 -4.03 1.59 29.28
C VAL A 572 -3.16 2.63 30.00
N ASP A 573 -2.06 2.18 30.62
CA ASP A 573 -1.18 3.10 31.34
C ASP A 573 -0.49 4.10 30.40
N LEU A 574 -0.03 3.62 29.24
CA LEU A 574 0.55 4.53 28.23
C LEU A 574 -0.43 5.62 27.82
N LEU A 575 -1.68 5.24 27.62
CA LEU A 575 -2.69 6.20 27.17
C LEU A 575 -2.97 7.25 28.24
N VAL A 576 -3.06 6.82 29.50
CA VAL A 576 -3.28 7.75 30.61
C VAL A 576 -2.06 8.65 30.81
N ASN A 577 -0.87 8.06 30.75
CA ASN A 577 0.34 8.78 31.09
C ASN A 577 0.86 9.69 29.99
N ASN A 578 0.55 9.36 28.74
CA ASN A 578 1.14 10.08 27.61
C ASN A 578 0.17 10.71 26.62
N PHE A 579 -1.10 10.34 26.71
CA PHE A 579 -2.09 10.76 25.72
C PHE A 579 -3.37 11.30 26.35
N GLY A 580 -3.30 11.64 27.63
CA GLY A 580 -4.42 12.31 28.31
C GLY A 580 -5.66 11.47 28.56
N ALA A 581 -5.55 10.15 28.42
CA ALA A 581 -6.67 9.25 28.70
C ALA A 581 -7.09 9.28 30.16
N VAL A 582 -8.37 9.03 30.41
CA VAL A 582 -8.93 9.07 31.74
C VAL A 582 -9.57 7.72 32.06
N PRO A 583 -9.19 7.10 33.19
CA PRO A 583 -9.83 5.83 33.57
C PRO A 583 -11.34 5.99 33.73
N ARG A 584 -12.09 5.00 33.25
CA ARG A 584 -13.56 5.02 33.37
C ARG A 584 -14.00 4.64 34.79
FE SRM B . 3.87 -5.65 2.54
CHA SRM B . 5.74 -8.38 1.79
CHB SRM B . 1.15 -7.52 2.81
CHC SRM B . 1.99 -2.79 2.58
CHD SRM B . 6.59 -3.91 3.50
NA SRM B . 3.49 -7.64 2.22
C1A SRM B . 4.37 -8.59 1.87
C2A SRM B . 3.65 -9.84 1.46
CMA SRM B . 3.38 -9.73 -0.05
CDA SRM B . 4.51 -11.06 1.80
CEA SRM B . 3.90 -12.36 1.31
O3A SRM B . 3.22 -13.04 2.09
O4A SRM B . 3.92 -12.71 0.09
C3A SRM B . 2.39 -9.69 2.28
CAA SRM B . 1.16 -10.46 1.80
CBA SRM B . 0.36 -10.93 3.01
CCA SRM B . -1.08 -11.21 2.63
O1A SRM B . -1.48 -12.36 2.32
O2A SRM B . -1.88 -10.24 2.66
C4A SRM B . 2.31 -8.21 2.48
NB SRM B . 1.90 -5.23 2.56
C1B SRM B . 0.95 -6.14 2.86
C2B SRM B . -0.39 -5.46 2.99
CMB SRM B . -1.56 -6.31 2.44
CDB SRM B . -0.60 -5.21 4.50
CEB SRM B . -2.05 -4.92 4.86
O3B SRM B . -2.67 -5.72 5.64
O4B SRM B . -2.57 -3.84 4.51
C3B SRM B . -0.13 -4.17 2.23
CAB SRM B . -0.53 -4.21 0.75
CBB SRM B . -0.22 -2.87 0.06
CCB SRM B . -0.73 -2.86 -1.37
O1B SRM B . 0.08 -2.83 -2.32
O2B SRM B . -1.96 -2.83 -1.56
C4B SRM B . 1.31 -4.00 2.55
NC SRM B . 4.24 -3.64 2.87
C1C SRM B . 3.32 -2.67 2.95
C2C SRM B . 3.95 -1.39 3.35
CDC SRM B . 3.21 -0.14 3.72
CEC SRM B . 3.19 0.88 2.60
O3C SRM B . 3.32 0.55 1.38
O4C SRM B . 3.03 2.07 2.92
C3C SRM B . 5.35 -1.73 3.60
CAC SRM B . 6.34 -0.85 4.33
CBC SRM B . 6.79 0.27 3.40
CCC SRM B . 7.83 -0.16 2.37
O1C SRM B . 7.77 -1.25 1.78
O2C SRM B . 8.74 0.65 2.08
C4C SRM B . 5.43 -3.17 3.32
ND SRM B . 5.85 -6.07 2.61
C1D SRM B . 6.80 -5.19 2.99
C2D SRM B . 8.13 -5.86 3.03
CAD SRM B . 9.46 -5.26 3.45
CBD SRM B . 10.03 -4.34 2.36
CCD SRM B . 11.54 -4.32 2.35
O1D SRM B . 12.13 -3.45 1.68
O2D SRM B . 12.24 -5.13 3.02
C3D SRM B . 7.88 -7.16 2.41
CDD SRM B . 8.87 -8.24 2.06
CED SRM B . 9.44 -7.99 0.69
O3D SRM B . 8.84 -7.32 -0.19
O4D SRM B . 10.55 -8.49 0.41
C4D SRM B . 6.42 -7.23 2.21
FE1 SF4 C . 4.83 -9.38 8.03
FE2 SF4 C . 2.89 -10.52 6.52
FE3 SF4 C . 3.61 -7.92 6.09
FE4 SF4 C . 2.21 -8.52 8.25
S1 SF4 C . 1.44 -8.82 6.08
S2 SF4 C . 4.14 -7.19 8.26
S3 SF4 C . 3.01 -10.57 8.86
S4 SF4 C . 4.94 -9.73 5.73
K K D . -9.97 0.18 9.59
CL CL E . 5.77 -9.36 -3.17
CL CL F . 3.89 -18.60 2.38
S SO3 G . 3.87 -5.15 0.31
O1 SO3 G . 2.92 -4.09 -0.01
O2 SO3 G . 3.65 -6.33 -0.52
O3 SO3 G . 5.20 -4.64 -0.06
#